data_9I77
#
_entry.id   9I77
#
_cell.length_a   86.4
_cell.length_b   86.4
_cell.length_c   125.57
_cell.angle_alpha   90
_cell.angle_beta   90
_cell.angle_gamma   120
#
_symmetry.space_group_name_H-M   'P 31 2 1'
#
loop_
_entity.id
_entity.type
_entity.pdbx_description
1 polymer 'Ubiquitin carboxyl-terminal hydrolase'
2 water water
#
_entity_poly.entity_id   1
_entity_poly.type   'polypeptide(L)'
_entity_poly.pdbx_seq_one_letter_code
;GPAMWFPLESNPQVMNRYISTLGLTEAKVQFVDVYGVSDDLLEMVPSPVHAVLLVYPMCEATDRRLAEQQAAQTAEVAAL
RKSHPFFFTHQLVPNACGTIAIAHALMNNRDKLGEIAAGSILDGPWAKAAETSEDPQIIGKLIAEDTSLASAHAAAAQEG
ATANQHIDADIDLHFVCFIPVGGRCVELDGRKENPILHGTCTDNRSFLTAAAAAIQERVELNPSSYEFGITALVNK
;
_entity_poly.pdbx_strand_id   A,B
#
# COMPACT_ATOMS: atom_id res chain seq x y z
N GLY A 1 1.63 0.00 9.95
CA GLY A 1 0.48 -0.17 10.86
C GLY A 1 -0.50 0.98 10.67
N PRO A 2 -1.53 1.12 11.54
CA PRO A 2 -2.60 2.10 11.34
C PRO A 2 -2.12 3.54 11.38
N ALA A 3 -1.09 3.80 12.18
CA ALA A 3 -0.63 5.16 12.41
C ALA A 3 0.78 5.39 11.84
N MET A 4 1.11 4.75 10.70
CA MET A 4 2.16 5.25 9.83
C MET A 4 1.85 4.80 8.41
N TRP A 5 1.63 5.75 7.50
CA TRP A 5 1.24 5.41 6.15
C TRP A 5 2.45 5.36 5.26
N PHE A 6 2.29 4.79 4.05
CA PHE A 6 3.33 4.88 3.04
C PHE A 6 3.24 6.28 2.44
N PRO A 7 4.38 6.88 2.03
CA PRO A 7 4.36 8.19 1.40
C PRO A 7 3.76 8.15 -0.01
N LEU A 8 2.91 9.14 -0.29
CA LEU A 8 2.35 9.36 -1.61
C LEU A 8 3.31 10.24 -2.40
N GLU A 9 3.71 9.84 -3.62
CA GLU A 9 4.61 10.68 -4.41
C GLU A 9 3.84 11.70 -5.22
N SER A 10 4.47 12.87 -5.44
CA SER A 10 3.91 13.91 -6.28
C SER A 10 3.92 13.42 -7.72
N ASN A 11 2.75 13.12 -8.29
CA ASN A 11 2.61 12.46 -9.57
C ASN A 11 1.17 12.70 -10.01
N PRO A 12 0.93 13.65 -10.92
CA PRO A 12 -0.43 14.06 -11.24
C PRO A 12 -1.34 12.92 -11.74
N GLN A 13 -0.77 12.00 -12.53
CA GLN A 13 -1.54 10.88 -13.07
C GLN A 13 -2.05 9.99 -11.93
N VAL A 14 -1.17 9.70 -10.99
CA VAL A 14 -1.52 8.92 -9.81
C VAL A 14 -2.55 9.71 -9.00
N MET A 15 -2.30 11.01 -8.80
CA MET A 15 -3.24 11.81 -8.05
C MET A 15 -4.62 11.86 -8.73
N ASN A 16 -4.65 11.97 -10.05
CA ASN A 16 -5.93 12.07 -10.76
C ASN A 16 -6.72 10.77 -10.67
N ARG A 17 -6.05 9.61 -10.74
CA ARG A 17 -6.76 8.36 -10.51
C ARG A 17 -7.23 8.28 -9.06
N TYR A 18 -6.38 8.73 -8.12
CA TYR A 18 -6.76 8.73 -6.73
C TYR A 18 -8.04 9.54 -6.48
N ILE A 19 -8.18 10.75 -7.03
CA ILE A 19 -9.32 11.56 -6.64
C ILE A 19 -10.59 10.96 -7.22
N SER A 20 -10.42 10.19 -8.29
CA SER A 20 -11.50 9.39 -8.84
C SER A 20 -11.91 8.32 -7.82
N THR A 21 -10.94 7.60 -7.26
CA THR A 21 -11.21 6.58 -6.26
C THR A 21 -11.85 7.16 -4.98
N LEU A 22 -11.49 8.39 -4.61
CA LEU A 22 -12.05 9.05 -3.42
C LEU A 22 -13.54 9.35 -3.58
N GLY A 23 -14.05 9.35 -4.83
CA GLY A 23 -15.47 9.58 -5.06
C GLY A 23 -15.82 10.60 -6.14
N LEU A 24 -14.84 11.18 -6.86
CA LEU A 24 -15.18 12.08 -7.95
C LEU A 24 -15.47 11.24 -9.19
N THR A 25 -16.76 11.11 -9.53
CA THR A 25 -17.20 10.16 -10.55
C THR A 25 -16.83 10.64 -11.94
N GLU A 26 -16.95 11.95 -12.15
CA GLU A 26 -16.63 12.55 -13.43
C GLU A 26 -15.89 13.84 -13.15
N ALA A 27 -14.60 13.72 -12.85
CA ALA A 27 -13.87 14.84 -12.28
C ALA A 27 -13.76 15.97 -13.31
N LYS A 28 -14.18 17.16 -12.91
CA LYS A 28 -14.06 18.33 -13.76
C LYS A 28 -12.78 19.12 -13.41
N VAL A 29 -11.95 18.52 -12.54
CA VAL A 29 -10.66 19.09 -12.19
C VAL A 29 -9.59 18.03 -12.39
N GLN A 30 -8.34 18.45 -12.41
CA GLN A 30 -7.26 17.51 -12.51
C GLN A 30 -6.02 18.18 -11.98
N PHE A 31 -5.09 17.34 -11.54
CA PHE A 31 -3.77 17.82 -11.19
C PHE A 31 -2.89 17.83 -12.44
N VAL A 32 -2.03 18.85 -12.56
CA VAL A 32 -0.99 18.90 -13.60
C VAL A 32 0.31 19.28 -12.93
N ASP A 33 1.43 19.06 -13.64
CA ASP A 33 2.71 19.48 -13.13
C ASP A 33 2.86 21.00 -13.31
N VAL A 34 3.58 21.62 -12.35
CA VAL A 34 4.09 22.96 -12.51
C VAL A 34 5.60 22.80 -12.56
N TYR A 35 6.25 23.31 -13.62
CA TYR A 35 7.60 22.88 -13.95
C TYR A 35 8.66 23.70 -13.19
N GLY A 36 8.26 24.87 -12.68
CA GLY A 36 9.08 25.65 -11.78
C GLY A 36 8.41 27.00 -11.48
N VAL A 37 9.16 27.91 -10.86
CA VAL A 37 8.56 29.08 -10.24
C VAL A 37 8.94 30.35 -10.97
N SER A 38 9.68 30.24 -12.08
CA SER A 38 9.97 31.39 -12.92
C SER A 38 8.70 31.86 -13.63
N ASP A 39 8.72 33.09 -14.14
CA ASP A 39 7.55 33.62 -14.82
C ASP A 39 7.29 32.81 -16.07
N ASP A 40 8.38 32.28 -16.66
CA ASP A 40 8.30 31.54 -17.90
C ASP A 40 7.48 30.27 -17.63
N LEU A 41 7.93 29.50 -16.64
CA LEU A 41 7.31 28.25 -16.26
C LEU A 41 5.88 28.46 -15.74
N LEU A 42 5.62 29.59 -15.07
CA LEU A 42 4.30 29.82 -14.50
C LEU A 42 3.32 30.13 -15.60
N GLU A 43 3.81 30.73 -16.68
CA GLU A 43 2.95 31.06 -17.81
C GLU A 43 2.38 29.77 -18.42
N MET A 44 3.13 28.67 -18.30
CA MET A 44 2.70 27.41 -18.88
C MET A 44 1.55 26.79 -18.08
N VAL A 45 1.36 27.21 -16.82
CA VAL A 45 0.33 26.61 -15.99
C VAL A 45 -1.05 26.99 -16.52
N PRO A 46 -2.00 26.04 -16.68
CA PRO A 46 -3.36 26.41 -17.07
C PRO A 46 -4.02 27.38 -16.09
N SER A 47 -5.08 28.05 -16.55
CA SER A 47 -5.71 29.08 -15.77
C SER A 47 -7.22 28.88 -15.86
N PRO A 48 -8.00 28.93 -14.76
CA PRO A 48 -7.51 29.23 -13.41
C PRO A 48 -6.80 28.08 -12.69
N VAL A 49 -5.97 28.44 -11.70
CA VAL A 49 -5.42 27.49 -10.73
C VAL A 49 -6.27 27.53 -9.45
N HIS A 50 -6.84 26.40 -9.05
CA HIS A 50 -7.66 26.35 -7.85
C HIS A 50 -6.82 26.11 -6.59
N ALA A 51 -5.63 25.51 -6.76
CA ALA A 51 -4.76 25.19 -5.64
C ALA A 51 -3.38 24.82 -6.16
N VAL A 52 -2.36 25.12 -5.36
CA VAL A 52 -1.00 24.73 -5.71
C VAL A 52 -0.54 23.76 -4.63
N LEU A 53 -0.11 22.57 -5.06
CA LEU A 53 0.44 21.59 -4.14
C LEU A 53 1.96 21.52 -4.27
N LEU A 54 2.62 21.31 -3.13
CA LEU A 54 4.06 21.34 -3.04
C LEU A 54 4.52 20.24 -2.11
N VAL A 55 5.47 19.43 -2.62
CA VAL A 55 6.23 18.54 -1.78
C VAL A 55 7.64 19.11 -1.68
N TYR A 56 8.12 19.25 -0.44
CA TYR A 56 9.45 19.81 -0.24
C TYR A 56 10.08 19.18 0.99
N PRO A 57 11.43 19.18 1.04
CA PRO A 57 12.16 18.77 2.22
C PRO A 57 12.29 19.91 3.21
N MET A 58 11.91 19.67 4.48
CA MET A 58 12.08 20.70 5.48
C MET A 58 13.57 20.94 5.70
N CYS A 59 13.94 22.22 5.86
CA CYS A 59 15.21 22.59 6.45
C CYS A 59 14.91 23.39 7.73
N GLU A 60 15.88 23.42 8.64
CA GLU A 60 15.66 24.03 9.94
C GLU A 60 15.35 25.52 9.72
N ALA A 61 16.03 26.15 8.76
CA ALA A 61 15.74 27.51 8.38
C ALA A 61 14.29 27.70 7.97
N THR A 62 13.76 26.81 7.13
CA THR A 62 12.40 26.98 6.67
C THR A 62 11.46 26.84 7.87
N ASP A 63 11.69 25.83 8.71
CA ASP A 63 10.89 25.59 9.91
C ASP A 63 10.92 26.82 10.85
N ARG A 64 12.06 27.50 10.87
CA ARG A 64 12.24 28.67 11.71
C ARG A 64 11.30 29.78 11.25
N ARG A 65 11.47 30.17 9.97
CA ARG A 65 10.65 31.17 9.32
C ARG A 65 9.17 30.92 9.56
N LEU A 66 8.73 29.65 9.47
CA LEU A 66 7.34 29.29 9.67
C LEU A 66 6.90 29.56 11.10
N ALA A 67 7.82 29.37 12.04
CA ALA A 67 7.46 29.57 13.44
C ALA A 67 7.16 31.04 13.67
N GLU A 68 8.03 31.91 13.12
CA GLU A 68 7.87 33.36 13.19
C GLU A 68 6.59 33.82 12.49
N GLN A 69 6.28 33.28 11.31
CA GLN A 69 5.03 33.61 10.63
C GLN A 69 3.85 33.18 11.49
N GLN A 70 3.89 31.98 12.04
CA GLN A 70 2.78 31.57 12.89
C GLN A 70 2.62 32.57 14.06
N ALA A 71 3.73 33.05 14.60
CA ALA A 71 3.66 33.86 15.81
C ALA A 71 3.18 35.28 15.47
N ALA A 72 3.60 35.78 14.30
CA ALA A 72 3.19 37.09 13.84
C ALA A 72 1.72 37.16 13.43
N GLN A 73 1.04 36.01 13.19
CA GLN A 73 -0.16 36.02 12.37
C GLN A 73 -1.43 35.55 13.07
N THR A 74 -1.31 35.15 14.35
CA THR A 74 -2.39 34.50 15.07
C THR A 74 -3.68 35.30 14.94
N ALA A 75 -3.58 36.63 15.11
CA ALA A 75 -4.78 37.44 15.14
C ALA A 75 -5.37 37.45 13.75
N GLU A 76 -4.54 37.71 12.72
CA GLU A 76 -5.06 37.84 11.37
C GLU A 76 -5.63 36.51 10.85
N VAL A 77 -5.06 35.39 11.30
CA VAL A 77 -5.54 34.09 10.86
C VAL A 77 -6.89 33.85 11.48
N ALA A 78 -7.06 34.15 12.77
CA ALA A 78 -8.38 34.03 13.39
C ALA A 78 -9.42 34.89 12.67
N ALA A 79 -9.05 36.12 12.31
CA ALA A 79 -10.00 36.98 11.61
C ALA A 79 -10.43 36.37 10.28
N LEU A 80 -9.45 35.82 9.55
CA LEU A 80 -9.69 35.30 8.21
C LEU A 80 -10.61 34.08 8.27
N ARG A 81 -10.45 33.20 9.27
CA ARG A 81 -11.35 32.06 9.44
C ARG A 81 -12.83 32.50 9.52
N LYS A 82 -13.09 33.66 10.14
CA LYS A 82 -14.44 34.18 10.27
C LYS A 82 -14.88 34.91 9.00
N SER A 83 -13.99 35.73 8.44
CA SER A 83 -14.38 36.57 7.33
C SER A 83 -14.56 35.76 6.04
N HIS A 84 -13.67 34.78 5.81
CA HIS A 84 -13.71 34.01 4.57
C HIS A 84 -13.45 32.56 4.90
N PRO A 85 -14.45 31.85 5.47
CA PRO A 85 -14.24 30.53 6.03
C PRO A 85 -13.62 29.56 5.02
N PHE A 86 -12.71 28.73 5.51
CA PHE A 86 -12.08 27.71 4.68
C PHE A 86 -11.85 26.45 5.51
N PHE A 87 -11.58 25.35 4.77
CA PHE A 87 -11.30 24.04 5.33
C PHE A 87 -9.81 23.89 5.64
N PHE A 88 -9.52 23.54 6.91
CA PHE A 88 -8.19 23.24 7.38
C PHE A 88 -8.24 22.05 8.34
N THR A 89 -7.35 21.08 8.14
CA THR A 89 -7.27 19.93 9.02
C THR A 89 -5.83 19.77 9.46
N HIS A 90 -5.66 19.23 10.68
CA HIS A 90 -4.36 18.78 11.12
C HIS A 90 -4.15 17.38 10.54
N GLN A 91 -2.88 17.03 10.43
CA GLN A 91 -2.37 15.73 10.02
C GLN A 91 -1.87 15.00 11.26
N LEU A 92 -2.61 13.97 11.68
CA LEU A 92 -2.23 13.21 12.87
C LEU A 92 -1.35 11.99 12.53
N VAL A 93 -1.37 11.51 11.27
CA VAL A 93 -0.63 10.31 10.88
C VAL A 93 0.61 10.69 10.07
N PRO A 94 1.81 10.18 10.43
CA PRO A 94 3.00 10.32 9.59
C PRO A 94 2.80 9.78 8.18
N ASN A 95 3.25 10.55 7.18
CA ASN A 95 3.16 10.26 5.75
C ASN A 95 1.74 10.35 5.18
N ALA A 96 0.74 10.76 5.98
CA ALA A 96 -0.57 11.05 5.43
C ALA A 96 -0.60 12.35 4.61
N CYS A 97 0.52 13.04 4.43
CA CYS A 97 0.47 14.44 4.05
C CYS A 97 0.07 14.63 2.58
N GLY A 98 0.38 13.68 1.70
CA GLY A 98 -0.11 13.83 0.35
C GLY A 98 -1.63 13.83 0.28
N THR A 99 -2.26 12.98 1.09
CA THR A 99 -3.71 12.92 1.13
C THR A 99 -4.31 14.18 1.78
N ILE A 100 -3.70 14.67 2.85
CA ILE A 100 -4.13 15.91 3.52
C ILE A 100 -4.09 17.07 2.53
N ALA A 101 -3.01 17.13 1.77
CA ALA A 101 -2.85 18.20 0.78
C ALA A 101 -3.93 18.11 -0.27
N ILE A 102 -4.21 16.90 -0.77
CA ILE A 102 -5.24 16.70 -1.76
C ILE A 102 -6.60 17.02 -1.13
N ALA A 103 -6.84 16.62 0.12
CA ALA A 103 -8.07 16.94 0.83
C ALA A 103 -8.24 18.46 0.92
N HIS A 104 -7.17 19.15 1.29
CA HIS A 104 -7.21 20.60 1.39
C HIS A 104 -7.60 21.23 0.05
N ALA A 105 -7.09 20.68 -1.06
CA ALA A 105 -7.32 21.30 -2.36
C ALA A 105 -8.76 21.08 -2.78
N LEU A 106 -9.24 19.86 -2.57
CA LEU A 106 -10.56 19.47 -3.02
C LEU A 106 -11.64 20.14 -2.17
N MET A 107 -11.51 20.07 -0.85
CA MET A 107 -12.55 20.54 0.06
C MET A 107 -12.66 22.07 0.07
N ASN A 108 -11.63 22.77 -0.43
CA ASN A 108 -11.65 24.21 -0.54
C ASN A 108 -12.11 24.63 -1.94
N ASN A 109 -12.56 23.68 -2.76
CA ASN A 109 -12.98 23.91 -4.12
C ASN A 109 -14.17 23.00 -4.46
N ARG A 110 -15.05 22.69 -3.49
CA ARG A 110 -16.13 21.73 -3.77
C ARG A 110 -16.95 22.15 -4.99
N ASP A 111 -17.12 23.47 -5.17
CA ASP A 111 -17.96 23.98 -6.25
C ASP A 111 -17.41 23.60 -7.63
N LYS A 112 -16.15 23.15 -7.71
CA LYS A 112 -15.49 22.99 -8.99
C LYS A 112 -15.44 21.51 -9.40
N LEU A 113 -15.82 20.60 -8.50
CA LEU A 113 -15.27 19.24 -8.52
C LEU A 113 -16.05 18.31 -9.45
N GLY A 114 -17.35 18.60 -9.59
CA GLY A 114 -18.29 17.67 -10.20
C GLY A 114 -18.99 16.86 -9.12
N GLU A 115 -19.64 15.78 -9.53
CA GLU A 115 -20.42 15.00 -8.60
C GLU A 115 -19.49 14.18 -7.68
N ILE A 116 -19.87 14.15 -6.41
CA ILE A 116 -19.32 13.22 -5.42
C ILE A 116 -20.26 12.04 -5.31
N ALA A 117 -19.75 10.83 -5.57
CA ALA A 117 -20.54 9.61 -5.50
C ALA A 117 -21.05 9.36 -4.09
N ALA A 118 -22.37 9.10 -3.98
CA ALA A 118 -22.97 8.74 -2.71
C ALA A 118 -22.25 7.51 -2.19
N GLY A 119 -21.83 7.53 -0.92
CA GLY A 119 -21.21 6.37 -0.33
C GLY A 119 -19.67 6.35 -0.46
N SER A 120 -19.10 7.37 -1.11
CA SER A 120 -17.66 7.40 -1.36
C SER A 120 -16.93 8.02 -0.17
N ILE A 121 -15.61 7.87 -0.16
CA ILE A 121 -14.81 8.45 0.90
C ILE A 121 -15.10 9.93 1.03
N LEU A 122 -15.29 10.62 -0.10
CA LEU A 122 -15.54 12.05 -0.06
C LEU A 122 -16.95 12.37 0.45
N ASP A 123 -17.81 11.36 0.56
CA ASP A 123 -19.15 11.50 1.10
C ASP A 123 -19.13 11.09 2.57
N GLY A 124 -17.92 10.81 3.09
CA GLY A 124 -17.80 10.12 4.36
C GLY A 124 -17.99 11.08 5.52
N PRO A 125 -18.03 10.53 6.76
CA PRO A 125 -18.16 11.33 7.97
C PRO A 125 -17.19 12.50 8.10
N TRP A 126 -15.89 12.31 7.80
CA TRP A 126 -14.96 13.41 7.97
C TRP A 126 -15.29 14.52 6.99
N ALA A 127 -15.79 14.14 5.81
CA ALA A 127 -15.96 15.08 4.72
C ALA A 127 -17.14 16.00 5.01
N LYS A 128 -18.24 15.41 5.47
CA LYS A 128 -19.33 16.19 6.04
C LYS A 128 -18.74 17.10 7.10
N ALA A 129 -18.25 16.48 8.19
CA ALA A 129 -17.67 17.23 9.29
C ALA A 129 -16.62 18.21 8.78
N GLU A 134 -15.07 22.83 11.33
CA GLU A 134 -14.93 23.10 12.80
C GLU A 134 -13.44 23.11 13.15
N ASP A 135 -13.03 22.28 14.12
CA ASP A 135 -11.69 22.34 14.68
C ASP A 135 -10.77 21.40 13.89
N PRO A 136 -9.51 21.80 13.62
CA PRO A 136 -8.59 20.99 12.83
C PRO A 136 -8.12 19.69 13.49
N GLN A 137 -8.14 19.66 14.84
CA GLN A 137 -7.82 18.46 15.58
C GLN A 137 -8.90 17.40 15.41
N ILE A 138 -10.17 17.82 15.55
CA ILE A 138 -11.26 16.86 15.46
C ILE A 138 -11.32 16.30 14.04
N ILE A 139 -11.26 17.17 13.02
CA ILE A 139 -11.35 16.70 11.65
C ILE A 139 -10.15 15.79 11.40
N GLY A 140 -8.98 16.27 11.82
CA GLY A 140 -7.73 15.56 11.71
C GLY A 140 -7.86 14.14 12.26
N LYS A 141 -8.47 13.99 13.44
CA LYS A 141 -8.67 12.70 14.06
C LYS A 141 -9.48 11.81 13.12
N LEU A 142 -10.61 12.32 12.60
CA LEU A 142 -11.49 11.49 11.80
C LEU A 142 -10.80 11.06 10.49
N ILE A 143 -9.94 11.94 9.97
CA ILE A 143 -9.25 11.62 8.72
C ILE A 143 -8.22 10.55 9.01
N ALA A 144 -7.41 10.78 10.04
CA ALA A 144 -6.45 9.79 10.49
C ALA A 144 -7.10 8.42 10.74
N GLU A 145 -8.37 8.36 11.14
CA GLU A 145 -8.97 7.09 11.55
C GLU A 145 -9.74 6.38 10.44
N ASP A 146 -9.92 7.06 9.29
CA ASP A 146 -10.78 6.51 8.26
C ASP A 146 -10.02 5.42 7.51
N THR A 147 -10.46 4.18 7.71
CA THR A 147 -9.71 3.04 7.20
C THR A 147 -9.87 2.96 5.68
N SER A 148 -10.98 3.45 5.13
CA SER A 148 -11.19 3.42 3.69
C SER A 148 -10.21 4.38 3.02
N LEU A 149 -10.03 5.53 3.65
CA LEU A 149 -9.12 6.55 3.19
C LEU A 149 -7.71 6.01 3.27
N ALA A 150 -7.36 5.35 4.38
CA ALA A 150 -6.02 4.85 4.55
C ALA A 150 -5.71 3.83 3.46
N SER A 151 -6.69 2.98 3.14
CA SER A 151 -6.51 1.93 2.16
C SER A 151 -6.37 2.49 0.74
N ALA A 152 -7.12 3.56 0.43
CA ALA A 152 -7.07 4.18 -0.88
C ALA A 152 -5.72 4.90 -1.07
N HIS A 153 -5.28 5.56 0.00
CA HIS A 153 -4.00 6.22 0.05
C HIS A 153 -2.89 5.21 -0.22
N ALA A 154 -2.96 4.07 0.45
CA ALA A 154 -1.93 3.05 0.27
C ALA A 154 -1.82 2.65 -1.20
N ALA A 155 -2.97 2.38 -1.81
CA ALA A 155 -3.01 1.93 -3.18
C ALA A 155 -2.44 3.01 -4.11
N ALA A 156 -2.77 4.29 -3.85
CA ALA A 156 -2.25 5.38 -4.67
C ALA A 156 -0.73 5.49 -4.51
N ALA A 157 -0.29 5.45 -3.25
CA ALA A 157 1.12 5.50 -2.94
C ALA A 157 1.87 4.38 -3.70
N GLN A 158 1.31 3.19 -3.69
CA GLN A 158 2.02 2.06 -4.30
C GLN A 158 2.15 2.28 -5.80
N GLU A 159 1.13 2.86 -6.41
CA GLU A 159 1.07 3.10 -7.84
C GLU A 159 2.22 4.00 -8.23
N GLY A 160 2.57 4.96 -7.35
CA GLY A 160 3.64 5.90 -7.62
C GLY A 160 5.03 5.37 -7.27
N ALA A 161 5.11 4.19 -6.66
CA ALA A 161 6.36 3.69 -6.12
C ALA A 161 7.16 2.94 -7.18
N THR A 162 8.48 2.92 -6.98
CA THR A 162 9.40 2.25 -7.88
C THR A 162 10.43 1.52 -7.05
N ILE A 171 16.13 13.37 5.38
CA ILE A 171 15.18 14.12 4.48
C ILE A 171 13.74 13.93 4.97
N ASP A 172 13.15 14.98 5.55
CA ASP A 172 11.77 14.96 6.01
C ASP A 172 10.91 15.73 4.98
N LEU A 173 10.27 14.97 4.10
CA LEU A 173 9.49 15.54 3.01
C LEU A 173 8.15 16.00 3.56
N HIS A 174 7.74 17.20 3.18
N HIS A 174 7.76 17.24 3.22
CA HIS A 174 6.39 17.58 3.51
CA HIS A 174 6.47 17.86 3.58
C HIS A 174 5.61 18.02 2.28
C HIS A 174 5.63 18.04 2.30
N PHE A 175 4.33 17.65 2.32
CA PHE A 175 3.38 17.98 1.25
C PHE A 175 2.34 18.98 1.78
N VAL A 176 2.17 20.10 1.08
CA VAL A 176 1.33 21.21 1.52
C VAL A 176 0.51 21.71 0.33
N CYS A 177 -0.43 22.62 0.66
CA CYS A 177 -1.45 23.10 -0.27
C CYS A 177 -1.63 24.61 -0.10
N PHE A 178 -1.46 25.37 -1.20
CA PHE A 178 -1.67 26.80 -1.20
C PHE A 178 -3.01 27.09 -1.88
N ILE A 179 -3.85 27.92 -1.22
CA ILE A 179 -5.12 28.38 -1.77
C ILE A 179 -5.26 29.90 -1.57
N PRO A 180 -6.04 30.58 -2.45
CA PRO A 180 -6.40 31.95 -2.22
C PRO A 180 -7.58 32.06 -1.26
N VAL A 181 -7.45 32.93 -0.24
CA VAL A 181 -8.50 33.18 0.73
C VAL A 181 -8.46 34.68 1.07
N GLY A 182 -9.53 35.41 0.75
CA GLY A 182 -9.67 36.78 1.21
C GLY A 182 -8.40 37.60 0.94
N GLY A 183 -7.95 37.53 -0.32
CA GLY A 183 -6.88 38.40 -0.81
C GLY A 183 -5.51 37.97 -0.31
N ARG A 184 -5.41 36.73 0.22
CA ARG A 184 -4.13 36.23 0.69
C ARG A 184 -3.88 34.84 0.14
N CYS A 185 -2.61 34.57 -0.17
CA CYS A 185 -2.12 33.23 -0.46
C CYS A 185 -1.92 32.49 0.86
N VAL A 186 -2.71 31.44 1.07
CA VAL A 186 -2.73 30.73 2.33
C VAL A 186 -2.11 29.32 2.12
N GLU A 187 -1.17 28.96 3.00
CA GLU A 187 -0.60 27.62 3.03
C GLU A 187 -1.29 26.80 4.12
N LEU A 188 -1.82 25.65 3.71
CA LEU A 188 -2.37 24.64 4.58
C LEU A 188 -1.36 23.50 4.75
N ASP A 189 -0.72 23.50 5.92
CA ASP A 189 0.22 22.47 6.32
C ASP A 189 -0.36 21.80 7.55
N GLY A 190 -0.80 20.56 7.37
CA GLY A 190 -1.40 19.82 8.47
C GLY A 190 -0.40 19.55 9.61
N ARG A 191 0.90 19.75 9.35
CA ARG A 191 1.88 19.62 10.43
C ARG A 191 2.11 20.95 11.17
N LYS A 192 1.32 22.02 10.88
CA LYS A 192 1.41 23.25 11.64
C LYS A 192 0.08 23.52 12.34
N GLU A 193 0.17 24.31 13.40
CA GLU A 193 -0.99 24.60 14.23
C GLU A 193 -2.03 25.37 13.43
N ASN A 194 -1.54 26.38 12.70
CA ASN A 194 -2.40 27.33 12.01
C ASN A 194 -2.08 27.33 10.53
N PRO A 195 -3.05 27.68 9.66
CA PRO A 195 -2.71 28.11 8.31
C PRO A 195 -1.67 29.20 8.34
N ILE A 196 -0.84 29.22 7.29
CA ILE A 196 0.21 30.20 7.17
C ILE A 196 -0.18 31.18 6.08
N LEU A 197 0.00 32.48 6.35
CA LEU A 197 -0.32 33.53 5.40
C LEU A 197 0.96 33.96 4.69
N HIS A 198 0.90 33.99 3.35
CA HIS A 198 2.03 34.42 2.55
C HIS A 198 1.65 35.73 1.86
N GLY A 199 1.92 35.87 0.58
CA GLY A 199 1.72 37.17 -0.06
C GLY A 199 0.24 37.53 -0.21
N THR A 200 -0.05 38.78 -0.57
CA THR A 200 -1.41 39.18 -0.86
C THR A 200 -1.65 38.92 -2.33
N CYS A 201 -2.92 38.84 -2.71
CA CYS A 201 -3.28 38.64 -4.10
C CYS A 201 -4.67 39.23 -4.34
N THR A 202 -4.94 39.58 -5.60
CA THR A 202 -6.20 40.22 -5.95
C THR A 202 -6.94 39.41 -7.00
N ASP A 203 -6.20 38.68 -7.84
CA ASP A 203 -6.82 37.81 -8.83
C ASP A 203 -6.11 36.45 -8.82
N ASN A 204 -6.57 35.55 -9.68
CA ASN A 204 -6.03 34.20 -9.72
C ASN A 204 -4.56 34.17 -10.13
N ARG A 205 -4.18 34.99 -11.11
CA ARG A 205 -2.82 34.98 -11.60
C ARG A 205 -1.87 35.48 -10.50
N SER A 206 -2.30 36.49 -9.74
CA SER A 206 -1.47 37.03 -8.68
C SER A 206 -1.42 36.03 -7.52
N PHE A 207 -2.45 35.20 -7.33
CA PHE A 207 -2.33 34.12 -6.36
C PHE A 207 -1.21 33.14 -6.75
N LEU A 208 -1.14 32.79 -8.05
CA LEU A 208 -0.11 31.85 -8.51
C LEU A 208 1.28 32.44 -8.31
N THR A 209 1.41 33.74 -8.59
CA THR A 209 2.62 34.47 -8.31
C THR A 209 2.98 34.40 -6.82
N ALA A 210 2.00 34.62 -5.94
CA ALA A 210 2.25 34.61 -4.49
C ALA A 210 2.65 33.20 -4.01
N ALA A 211 1.96 32.16 -4.47
CA ALA A 211 2.35 30.80 -4.14
C ALA A 211 3.76 30.49 -4.64
N ALA A 212 4.06 30.93 -5.86
CA ALA A 212 5.38 30.66 -6.46
C ALA A 212 6.47 31.35 -5.66
N ALA A 213 6.18 32.58 -5.20
CA ALA A 213 7.15 33.35 -4.43
C ALA A 213 7.43 32.67 -3.08
N ALA A 214 6.39 32.15 -2.43
CA ALA A 214 6.60 31.41 -1.19
C ALA A 214 7.48 30.17 -1.42
N ILE A 215 7.19 29.42 -2.49
CA ILE A 215 7.95 28.24 -2.86
C ILE A 215 9.42 28.60 -3.15
N GLN A 216 9.64 29.63 -3.96
CA GLN A 216 10.96 30.03 -4.40
C GLN A 216 11.86 30.40 -3.20
N GLU A 217 11.26 30.97 -2.16
CA GLU A 217 11.97 31.30 -0.94
C GLU A 217 12.57 30.05 -0.30
N ARG A 218 11.90 28.89 -0.38
CA ARG A 218 12.43 27.68 0.24
C ARG A 218 13.42 26.97 -0.70
N VAL A 219 13.13 26.96 -2.01
CA VAL A 219 14.06 26.46 -3.01
C VAL A 219 15.47 27.00 -2.72
N GLU A 220 15.56 28.26 -2.29
CA GLU A 220 16.83 28.85 -1.88
C GLU A 220 16.93 28.76 -0.37
N LEU A 221 17.23 27.56 0.13
CA LEU A 221 17.26 27.26 1.55
C LEU A 221 17.50 25.75 1.75
N GLU A 227 14.66 17.28 -4.61
CA GLU A 227 14.12 18.53 -5.19
C GLU A 227 12.63 18.63 -4.88
N PHE A 228 12.06 19.76 -5.32
CA PHE A 228 10.70 20.15 -5.01
C PHE A 228 9.77 19.52 -6.04
N GLY A 229 8.58 19.13 -5.61
CA GLY A 229 7.53 18.74 -6.55
C GLY A 229 6.36 19.71 -6.39
N ILE A 230 6.01 20.40 -7.50
CA ILE A 230 4.92 21.35 -7.58
C ILE A 230 3.87 20.84 -8.58
N THR A 231 2.62 20.79 -8.13
CA THR A 231 1.46 20.53 -8.96
C THR A 231 0.42 21.61 -8.72
N ALA A 232 -0.55 21.65 -9.62
CA ALA A 232 -1.65 22.58 -9.54
C ALA A 232 -2.97 21.86 -9.83
N LEU A 233 -4.00 22.24 -9.10
CA LEU A 233 -5.33 21.75 -9.39
C LEU A 233 -5.99 22.73 -10.35
N VAL A 234 -6.36 22.23 -11.53
CA VAL A 234 -6.91 23.05 -12.61
C VAL A 234 -8.15 22.35 -13.17
N ASN A 235 -8.88 23.03 -14.06
CA ASN A 235 -10.07 22.47 -14.65
C ASN A 235 -9.70 21.37 -15.63
N LYS A 236 -10.63 20.42 -15.79
CA LYS A 236 -10.46 19.34 -16.74
C LYS A 236 -11.60 19.48 -17.77
N PRO B 2 11.95 0.10 -11.53
CA PRO B 2 10.67 -0.50 -12.07
C PRO B 2 9.53 -0.40 -11.03
N ALA B 3 8.28 -0.65 -11.47
CA ALA B 3 7.11 -0.65 -10.59
C ALA B 3 7.20 -1.83 -9.62
N MET B 4 7.16 -1.52 -8.34
CA MET B 4 7.16 -2.53 -7.31
C MET B 4 5.90 -2.38 -6.47
N TRP B 5 5.67 -3.37 -5.62
CA TRP B 5 4.67 -3.28 -4.59
C TRP B 5 5.39 -3.05 -3.26
N PHE B 6 4.62 -2.69 -2.23
CA PHE B 6 5.14 -2.59 -0.88
C PHE B 6 5.21 -4.00 -0.30
N PRO B 7 6.22 -4.31 0.54
CA PRO B 7 6.29 -5.62 1.19
C PRO B 7 5.16 -5.81 2.19
N LEU B 8 4.54 -6.99 2.13
CA LEU B 8 3.52 -7.39 3.09
C LEU B 8 4.21 -8.20 4.18
N GLU B 9 4.09 -7.78 5.44
CA GLU B 9 4.74 -8.45 6.54
C GLU B 9 3.93 -9.67 6.97
N SER B 10 4.64 -10.64 7.55
CA SER B 10 4.03 -11.82 8.14
C SER B 10 3.30 -11.44 9.43
N ASN B 11 1.98 -11.35 9.37
CA ASN B 11 1.19 -10.80 10.46
C ASN B 11 -0.16 -11.51 10.36
N PRO B 12 -0.43 -12.57 11.17
CA PRO B 12 -1.67 -13.32 11.08
C PRO B 12 -2.93 -12.45 11.07
N GLN B 13 -3.02 -11.47 11.97
CA GLN B 13 -4.23 -10.68 12.09
C GLN B 13 -4.50 -9.93 10.79
N VAL B 14 -3.45 -9.36 10.20
CA VAL B 14 -3.58 -8.59 8.98
C VAL B 14 -3.88 -9.50 7.79
N MET B 15 -3.23 -10.65 7.74
CA MET B 15 -3.49 -11.67 6.72
C MET B 15 -4.93 -12.15 6.76
N ASN B 16 -5.47 -12.32 7.97
CA ASN B 16 -6.84 -12.77 8.13
C ASN B 16 -7.82 -11.71 7.62
N ARG B 17 -7.57 -10.43 7.90
CA ARG B 17 -8.40 -9.37 7.37
C ARG B 17 -8.26 -9.35 5.86
N TYR B 18 -7.05 -9.64 5.37
CA TYR B 18 -6.77 -9.51 3.93
C TYR B 18 -7.59 -10.54 3.14
N ILE B 19 -7.63 -11.79 3.63
CA ILE B 19 -8.30 -12.82 2.85
C ILE B 19 -9.81 -12.53 2.81
N SER B 20 -10.35 -11.88 3.83
CA SER B 20 -11.73 -11.43 3.80
C SER B 20 -11.87 -10.37 2.72
N THR B 21 -10.96 -9.40 2.70
CA THR B 21 -10.98 -8.40 1.66
C THR B 21 -10.93 -9.03 0.27
N LEU B 22 -10.16 -10.11 0.09
CA LEU B 22 -9.97 -10.74 -1.22
C LEU B 22 -11.24 -11.47 -1.68
N GLY B 23 -12.18 -11.69 -0.75
CA GLY B 23 -13.54 -12.07 -1.08
C GLY B 23 -14.06 -13.26 -0.30
N LEU B 24 -13.31 -13.74 0.69
CA LEU B 24 -13.83 -14.78 1.58
C LEU B 24 -14.84 -14.14 2.52
N THR B 25 -16.12 -14.39 2.24
CA THR B 25 -17.19 -13.61 2.85
C THR B 25 -17.35 -14.04 4.31
N GLU B 26 -17.23 -15.33 4.60
CA GLU B 26 -17.19 -15.82 5.97
C GLU B 26 -16.16 -16.92 6.03
N ALA B 27 -14.90 -16.50 6.18
CA ALA B 27 -13.75 -17.36 6.01
C ALA B 27 -13.85 -18.49 7.02
N LYS B 28 -13.67 -19.71 6.52
CA LYS B 28 -13.69 -20.89 7.34
C LYS B 28 -12.25 -21.37 7.58
N VAL B 29 -11.28 -20.51 7.23
CA VAL B 29 -9.88 -20.73 7.56
C VAL B 29 -9.28 -19.47 8.18
N GLN B 30 -8.09 -19.63 8.79
CA GLN B 30 -7.38 -18.52 9.38
C GLN B 30 -5.90 -18.86 9.45
N PHE B 31 -5.07 -17.81 9.35
CA PHE B 31 -3.64 -17.95 9.59
C PHE B 31 -3.34 -17.79 11.08
N VAL B 32 -2.38 -18.59 11.54
CA VAL B 32 -1.88 -18.54 12.92
C VAL B 32 -0.35 -18.60 12.89
N ASP B 33 0.28 -18.17 14.00
CA ASP B 33 1.72 -18.31 14.14
C ASP B 33 2.07 -19.79 14.37
N VAL B 34 3.22 -20.18 13.84
CA VAL B 34 3.95 -21.36 14.25
C VAL B 34 5.24 -20.89 14.91
N TYR B 35 5.47 -21.33 16.14
CA TYR B 35 6.44 -20.66 17.01
C TYR B 35 7.85 -21.22 16.80
N GLY B 36 7.98 -22.34 16.11
CA GLY B 36 9.29 -22.89 15.81
C GLY B 36 9.15 -24.31 15.28
N VAL B 37 10.25 -25.07 15.32
CA VAL B 37 10.34 -26.33 14.58
C VAL B 37 10.61 -27.54 15.47
N SER B 38 10.68 -27.35 16.79
CA SER B 38 10.81 -28.47 17.71
C SER B 38 9.43 -29.07 17.92
N ASP B 39 9.38 -30.28 18.47
CA ASP B 39 8.12 -31.02 18.54
C ASP B 39 7.12 -30.37 19.47
N ASP B 40 7.60 -29.81 20.58
CA ASP B 40 6.71 -29.17 21.53
C ASP B 40 6.02 -27.98 20.86
N LEU B 41 6.75 -27.27 19.99
CA LEU B 41 6.18 -26.10 19.32
C LEU B 41 5.22 -26.53 18.22
N LEU B 42 5.57 -27.57 17.44
CA LEU B 42 4.70 -28.09 16.40
C LEU B 42 3.39 -28.64 16.96
N GLU B 43 3.46 -29.20 18.17
CA GLU B 43 2.28 -29.78 18.78
C GLU B 43 1.25 -28.69 19.03
N MET B 44 1.71 -27.44 19.23
CA MET B 44 0.78 -26.35 19.52
C MET B 44 -0.06 -25.93 18.31
N VAL B 45 0.34 -26.33 17.10
CA VAL B 45 -0.36 -25.88 15.90
C VAL B 45 -1.67 -26.66 15.77
N PRO B 46 -2.81 -25.99 15.51
CA PRO B 46 -4.06 -26.70 15.28
C PRO B 46 -3.91 -27.74 14.19
N SER B 47 -4.82 -28.70 14.22
CA SER B 47 -4.81 -29.81 13.28
C SER B 47 -6.19 -29.86 12.65
N PRO B 48 -6.34 -30.02 11.33
CA PRO B 48 -5.21 -30.11 10.41
C PRO B 48 -4.62 -28.75 10.01
N VAL B 49 -3.44 -28.77 9.38
CA VAL B 49 -2.84 -27.59 8.78
C VAL B 49 -2.93 -27.72 7.26
N HIS B 50 -3.51 -26.71 6.61
CA HIS B 50 -3.74 -26.75 5.16
C HIS B 50 -2.51 -26.28 4.40
N ALA B 51 -1.74 -25.35 5.01
CA ALA B 51 -0.55 -24.78 4.38
C ALA B 51 0.35 -24.13 5.45
N VAL B 52 1.66 -24.15 5.19
CA VAL B 52 2.64 -23.51 6.06
C VAL B 52 3.37 -22.48 5.23
N LEU B 53 3.43 -21.25 5.74
CA LEU B 53 4.09 -20.17 5.03
C LEU B 53 5.35 -19.80 5.82
N LEU B 54 6.39 -19.40 5.10
CA LEU B 54 7.62 -18.96 5.67
C LEU B 54 8.02 -17.67 4.97
N VAL B 55 8.38 -16.64 5.74
CA VAL B 55 9.17 -15.53 5.22
C VAL B 55 10.57 -15.68 5.78
N TYR B 56 11.57 -15.50 4.93
CA TYR B 56 12.94 -15.76 5.30
C TYR B 56 13.88 -14.87 4.50
N PRO B 57 15.12 -14.58 5.00
CA PRO B 57 16.09 -13.81 4.24
C PRO B 57 16.97 -14.69 3.36
N MET B 58 17.03 -14.37 2.05
CA MET B 58 17.81 -15.20 1.12
C MET B 58 19.31 -15.10 1.40
N CYS B 59 20.06 -16.17 1.16
CA CYS B 59 21.51 -16.10 1.18
C CYS B 59 22.09 -16.96 0.05
N GLU B 60 23.38 -16.83 -0.16
CA GLU B 60 24.10 -17.59 -1.17
C GLU B 60 23.79 -19.09 -1.07
N ALA B 61 23.91 -19.67 0.13
CA ALA B 61 23.74 -21.10 0.29
C ALA B 61 22.32 -21.55 -0.07
N THR B 62 21.31 -20.78 0.36
CA THR B 62 19.92 -21.16 0.10
C THR B 62 19.66 -21.09 -1.42
N ASP B 63 20.15 -20.01 -2.04
CA ASP B 63 19.92 -19.75 -3.46
C ASP B 63 20.56 -20.88 -4.28
N ARG B 64 21.74 -21.36 -3.86
CA ARG B 64 22.45 -22.36 -4.63
C ARG B 64 21.73 -23.70 -4.52
N ARG B 65 21.31 -24.05 -3.29
CA ARG B 65 20.66 -25.32 -3.04
C ARG B 65 19.32 -25.40 -3.78
N LEU B 66 18.59 -24.27 -3.89
CA LEU B 66 17.32 -24.21 -4.60
C LEU B 66 17.53 -24.39 -6.11
N ALA B 67 18.64 -23.87 -6.65
CA ALA B 67 18.98 -24.08 -8.06
C ALA B 67 19.30 -25.57 -8.27
N GLU B 68 20.03 -26.19 -7.34
CA GLU B 68 20.39 -27.60 -7.43
C GLU B 68 19.12 -28.46 -7.46
N GLN B 69 18.20 -28.19 -6.52
CA GLN B 69 16.94 -28.92 -6.45
C GLN B 69 16.10 -28.78 -7.73
N GLN B 70 16.00 -27.57 -8.29
CA GLN B 70 15.20 -27.36 -9.50
C GLN B 70 15.77 -28.03 -10.77
N ALA B 71 17.10 -28.00 -10.94
CA ALA B 71 17.77 -28.72 -12.02
C ALA B 71 17.46 -30.21 -11.91
N ALA B 72 17.58 -30.75 -10.70
CA ALA B 72 17.46 -32.17 -10.47
C ALA B 72 16.02 -32.69 -10.45
N GLN B 73 14.99 -31.84 -10.26
CA GLN B 73 13.65 -32.37 -9.95
C GLN B 73 12.65 -32.27 -11.11
N THR B 74 13.09 -31.82 -12.27
CA THR B 74 12.16 -31.43 -13.33
C THR B 74 11.18 -32.57 -13.64
N ALA B 75 11.70 -33.80 -13.73
CA ALA B 75 10.85 -34.92 -14.10
C ALA B 75 9.84 -35.22 -12.99
N GLU B 76 10.32 -35.17 -11.74
CA GLU B 76 9.48 -35.45 -10.60
C GLU B 76 8.34 -34.43 -10.50
N VAL B 77 8.64 -33.16 -10.74
CA VAL B 77 7.59 -32.14 -10.67
C VAL B 77 6.53 -32.38 -11.76
N ALA B 78 7.01 -32.61 -12.97
CA ALA B 78 6.15 -32.96 -14.10
C ALA B 78 5.21 -34.11 -13.73
N ALA B 79 5.76 -35.21 -13.18
CA ALA B 79 4.93 -36.36 -12.86
C ALA B 79 3.89 -36.01 -11.80
N LEU B 80 4.33 -35.27 -10.76
CA LEU B 80 3.46 -34.89 -9.67
C LEU B 80 2.26 -34.08 -10.20
N ARG B 81 2.55 -33.12 -11.10
N ARG B 81 2.56 -33.13 -11.08
CA ARG B 81 1.51 -32.29 -11.70
CA ARG B 81 1.55 -32.30 -11.73
C ARG B 81 0.52 -33.15 -12.48
C ARG B 81 0.53 -33.16 -12.47
N LYS B 82 0.99 -34.23 -13.13
CA LYS B 82 0.11 -35.14 -13.83
C LYS B 82 -0.84 -35.86 -12.87
N SER B 83 -0.32 -36.41 -11.76
CA SER B 83 -1.13 -37.21 -10.87
C SER B 83 -1.94 -36.35 -9.91
N HIS B 84 -1.34 -35.28 -9.36
CA HIS B 84 -2.02 -34.46 -8.36
C HIS B 84 -1.92 -33.00 -8.77
N PRO B 85 -2.75 -32.51 -9.70
CA PRO B 85 -2.69 -31.13 -10.12
C PRO B 85 -2.70 -30.19 -8.91
N PHE B 86 -1.81 -29.21 -8.89
CA PHE B 86 -1.93 -28.17 -7.88
C PHE B 86 -1.72 -26.80 -8.50
N PHE B 87 -1.98 -25.77 -7.70
CA PHE B 87 -1.86 -24.39 -8.17
C PHE B 87 -0.47 -23.83 -7.86
N PHE B 88 0.21 -23.36 -8.91
CA PHE B 88 1.44 -22.61 -8.78
C PHE B 88 1.42 -21.39 -9.70
N THR B 89 1.88 -20.21 -9.20
CA THR B 89 2.04 -19.02 -10.05
C THR B 89 3.45 -18.49 -9.90
N HIS B 90 3.97 -17.95 -11.00
CA HIS B 90 5.18 -17.16 -10.96
C HIS B 90 4.85 -15.75 -10.42
N GLN B 91 5.87 -15.11 -9.87
CA GLN B 91 5.79 -13.80 -9.25
C GLN B 91 6.57 -12.84 -10.15
N LEU B 92 5.85 -11.98 -10.86
CA LEU B 92 6.50 -11.06 -11.79
C LEU B 92 6.77 -9.68 -11.15
N VAL B 93 6.14 -9.35 -10.01
CA VAL B 93 6.35 -8.00 -9.52
C VAL B 93 7.09 -8.05 -8.19
N PRO B 94 8.16 -7.22 -8.02
CA PRO B 94 8.87 -7.13 -6.75
C PRO B 94 7.95 -6.84 -5.56
N ASN B 95 8.20 -7.58 -4.47
CA ASN B 95 7.49 -7.51 -3.21
C ASN B 95 6.05 -8.00 -3.27
N ALA B 96 5.64 -8.64 -4.35
CA ALA B 96 4.32 -9.23 -4.33
C ALA B 96 4.32 -10.57 -3.58
N CYS B 97 5.47 -11.03 -3.09
CA CYS B 97 5.59 -12.40 -2.61
C CYS B 97 4.62 -12.74 -1.48
N GLY B 98 4.26 -11.80 -0.61
CA GLY B 98 3.31 -12.10 0.45
C GLY B 98 1.92 -12.45 -0.10
N THR B 99 1.51 -11.72 -1.12
CA THR B 99 0.24 -11.99 -1.77
C THR B 99 0.31 -13.37 -2.45
N ILE B 100 1.43 -13.67 -3.12
CA ILE B 100 1.54 -14.91 -3.90
C ILE B 100 1.48 -16.10 -2.92
N ALA B 101 2.09 -15.97 -1.74
CA ALA B 101 2.12 -17.05 -0.77
C ALA B 101 0.72 -17.31 -0.24
N ILE B 102 -0.01 -16.23 0.05
CA ILE B 102 -1.38 -16.32 0.51
C ILE B 102 -2.23 -16.93 -0.60
N ALA B 103 -2.02 -16.51 -1.86
CA ALA B 103 -2.85 -17.01 -2.94
C ALA B 103 -2.60 -18.51 -3.13
N HIS B 104 -1.33 -18.90 -3.02
CA HIS B 104 -0.93 -20.30 -3.03
C HIS B 104 -1.67 -21.11 -1.96
N ALA B 105 -1.66 -20.59 -0.75
CA ALA B 105 -2.28 -21.27 0.39
C ALA B 105 -3.78 -21.43 0.17
N LEU B 106 -4.43 -20.37 -0.30
CA LEU B 106 -5.88 -20.37 -0.38
C LEU B 106 -6.32 -21.28 -1.52
N MET B 107 -5.69 -21.09 -2.68
CA MET B 107 -6.26 -21.65 -3.91
C MET B 107 -5.84 -23.10 -4.05
N ASN B 108 -4.96 -23.61 -3.18
CA ASN B 108 -4.68 -25.04 -3.10
C ASN B 108 -5.57 -25.72 -2.06
N ASN B 109 -6.56 -24.98 -1.56
CA ASN B 109 -7.41 -25.42 -0.47
C ASN B 109 -8.80 -24.82 -0.65
N ARG B 110 -9.24 -24.74 -1.91
CA ARG B 110 -10.47 -24.01 -2.24
C ARG B 110 -11.67 -24.59 -1.46
N ASP B 111 -11.67 -25.91 -1.26
CA ASP B 111 -12.81 -26.57 -0.63
C ASP B 111 -12.84 -26.29 0.87
N LYS B 112 -11.79 -25.65 1.42
CA LYS B 112 -11.73 -25.38 2.85
C LYS B 112 -12.19 -23.98 3.17
N LEU B 113 -12.48 -23.16 2.15
CA LEU B 113 -12.47 -21.71 2.33
C LEU B 113 -13.84 -21.18 2.69
N GLY B 114 -14.89 -21.81 2.17
CA GLY B 114 -16.23 -21.24 2.26
C GLY B 114 -16.53 -20.46 0.99
N GLU B 115 -17.52 -19.57 1.08
CA GLU B 115 -17.99 -18.87 -0.10
C GLU B 115 -17.02 -17.74 -0.48
N ILE B 116 -16.82 -17.63 -1.79
CA ILE B 116 -16.17 -16.51 -2.44
C ILE B 116 -17.23 -15.56 -3.00
N ALA B 117 -17.18 -14.29 -2.58
CA ALA B 117 -18.11 -13.28 -3.04
C ALA B 117 -17.97 -13.09 -4.55
N ALA B 118 -19.12 -13.08 -5.23
CA ALA B 118 -19.16 -12.73 -6.63
C ALA B 118 -18.53 -11.35 -6.82
N GLY B 119 -17.72 -11.22 -7.87
CA GLY B 119 -17.16 -9.93 -8.24
C GLY B 119 -15.89 -9.59 -7.43
N SER B 120 -15.56 -10.41 -6.42
CA SER B 120 -14.36 -10.21 -5.62
C SER B 120 -13.11 -10.60 -6.40
N ILE B 121 -11.95 -10.18 -5.87
CA ILE B 121 -10.66 -10.48 -6.46
C ILE B 121 -10.51 -11.99 -6.63
N LEU B 122 -10.98 -12.80 -5.67
CA LEU B 122 -10.85 -14.24 -5.79
C LEU B 122 -11.91 -14.83 -6.73
N ASP B 123 -12.78 -13.98 -7.30
CA ASP B 123 -13.76 -14.42 -8.28
C ASP B 123 -13.26 -14.05 -9.67
N GLY B 124 -12.04 -13.53 -9.74
CA GLY B 124 -11.50 -13.02 -10.97
C GLY B 124 -10.89 -14.13 -11.81
N PRO B 125 -10.54 -13.82 -13.09
CA PRO B 125 -9.93 -14.77 -13.99
C PRO B 125 -8.73 -15.52 -13.43
N TRP B 126 -7.76 -14.83 -12.83
CA TRP B 126 -6.57 -15.57 -12.46
C TRP B 126 -6.91 -16.56 -11.33
N ALA B 127 -7.89 -16.24 -10.46
CA ALA B 127 -8.29 -17.13 -9.38
C ALA B 127 -9.07 -18.33 -9.92
N LYS B 128 -9.84 -18.12 -11.00
CA LYS B 128 -10.53 -19.23 -11.64
C LYS B 128 -9.52 -20.15 -12.31
N ALA B 129 -8.52 -19.54 -12.94
CA ALA B 129 -7.46 -20.27 -13.62
C ALA B 129 -6.64 -21.10 -12.63
N ALA B 130 -6.44 -20.55 -11.43
CA ALA B 130 -5.72 -21.22 -10.37
C ALA B 130 -6.43 -22.53 -10.04
N GLU B 131 -7.77 -22.50 -9.98
CA GLU B 131 -8.56 -23.66 -9.63
C GLU B 131 -8.22 -24.82 -10.55
N THR B 132 -7.95 -24.55 -11.84
CA THR B 132 -7.68 -25.58 -12.81
C THR B 132 -6.20 -25.63 -13.13
N SER B 133 -5.37 -25.12 -12.21
CA SER B 133 -3.92 -25.29 -12.29
C SER B 133 -3.37 -24.85 -13.65
N GLU B 134 -3.82 -23.69 -14.18
CA GLU B 134 -3.38 -23.26 -15.50
C GLU B 134 -1.91 -22.83 -15.47
N ASP B 135 -1.36 -22.44 -16.64
CA ASP B 135 0.06 -22.15 -16.81
C ASP B 135 0.58 -21.12 -15.77
N PRO B 136 1.68 -21.41 -15.02
CA PRO B 136 2.22 -20.51 -13.99
C PRO B 136 2.66 -19.11 -14.46
N GLN B 137 3.26 -18.99 -15.65
CA GLN B 137 3.65 -17.72 -16.23
C GLN B 137 2.43 -16.85 -16.55
N ILE B 138 1.41 -17.43 -17.17
CA ILE B 138 0.23 -16.69 -17.55
C ILE B 138 -0.51 -16.27 -16.29
N ILE B 139 -0.61 -17.17 -15.30
CA ILE B 139 -1.28 -16.73 -14.08
C ILE B 139 -0.51 -15.56 -13.45
N GLY B 140 0.83 -15.63 -13.45
CA GLY B 140 1.67 -14.58 -12.85
C GLY B 140 1.49 -13.23 -13.56
N LYS B 141 1.31 -13.30 -14.88
CA LYS B 141 1.05 -12.14 -15.71
C LYS B 141 -0.31 -11.55 -15.34
N LEU B 142 -1.34 -12.39 -15.21
CA LEU B 142 -2.66 -11.93 -14.81
C LEU B 142 -2.59 -11.26 -13.43
N ILE B 143 -1.79 -11.83 -12.54
CA ILE B 143 -1.71 -11.32 -11.18
C ILE B 143 -1.03 -9.96 -11.21
N ALA B 144 0.06 -9.86 -11.98
CA ALA B 144 0.79 -8.62 -12.13
C ALA B 144 -0.10 -7.51 -12.70
N GLU B 145 -1.10 -7.85 -13.51
CA GLU B 145 -1.93 -6.88 -14.19
C GLU B 145 -3.21 -6.57 -13.41
N ASP B 146 -3.44 -7.25 -12.28
CA ASP B 146 -4.72 -7.11 -11.59
C ASP B 146 -4.68 -5.89 -10.67
N THR B 147 -5.34 -4.79 -11.07
CA THR B 147 -5.19 -3.53 -10.36
C THR B 147 -5.89 -3.59 -9.01
N SER B 148 -7.05 -4.23 -8.99
CA SER B 148 -7.79 -4.46 -7.76
C SER B 148 -6.93 -5.17 -6.71
N LEU B 149 -6.25 -6.24 -7.14
CA LEU B 149 -5.37 -6.99 -6.28
C LEU B 149 -4.22 -6.11 -5.76
N ALA B 150 -3.55 -5.38 -6.66
CA ALA B 150 -2.47 -4.49 -6.24
C ALA B 150 -2.95 -3.50 -5.17
N SER B 151 -4.17 -2.95 -5.29
CA SER B 151 -4.70 -1.99 -4.33
C SER B 151 -4.97 -2.65 -2.99
N ALA B 152 -5.48 -3.89 -3.00
CA ALA B 152 -5.77 -4.58 -1.75
C ALA B 152 -4.49 -4.99 -1.04
N HIS B 153 -3.46 -5.34 -1.83
CA HIS B 153 -2.16 -5.72 -1.30
C HIS B 153 -1.53 -4.50 -0.64
N ALA B 154 -1.61 -3.35 -1.31
CA ALA B 154 -1.03 -2.14 -0.75
C ALA B 154 -1.67 -1.84 0.62
N ALA B 155 -2.99 -1.94 0.69
CA ALA B 155 -3.69 -1.62 1.91
C ALA B 155 -3.28 -2.58 3.03
N ALA B 156 -3.21 -3.88 2.73
CA ALA B 156 -2.78 -4.88 3.72
C ALA B 156 -1.33 -4.65 4.14
N ALA B 157 -0.45 -4.27 3.20
CA ALA B 157 0.94 -4.01 3.49
C ALA B 157 1.08 -2.84 4.47
N GLN B 158 0.21 -1.84 4.29
CA GLN B 158 0.26 -0.63 5.10
C GLN B 158 -0.20 -0.97 6.51
N GLU B 159 -1.29 -1.74 6.61
CA GLU B 159 -1.87 -2.13 7.89
C GLU B 159 -0.90 -2.99 8.70
N GLY B 160 -0.15 -3.84 8.01
CA GLY B 160 0.64 -4.87 8.65
C GLY B 160 2.06 -4.42 8.96
N ALA B 161 2.50 -3.29 8.39
CA ALA B 161 3.90 -2.89 8.55
C ALA B 161 4.15 -2.67 10.04
N THR B 162 5.31 -3.12 10.54
CA THR B 162 5.74 -2.85 11.91
C THR B 162 7.06 -2.09 11.89
N ALA B 163 7.75 -2.15 10.76
CA ALA B 163 9.14 -1.69 10.70
C ALA B 163 9.14 -0.18 10.57
N ASN B 164 10.31 0.40 10.84
CA ASN B 164 10.53 1.85 10.85
C ASN B 164 11.48 2.23 9.71
N ASP B 170 16.83 -3.25 3.93
CA ASP B 170 17.27 -3.68 2.57
C ASP B 170 18.00 -5.04 2.58
N ILE B 171 17.21 -6.12 2.47
CA ILE B 171 17.65 -7.53 2.48
C ILE B 171 16.73 -8.29 1.53
N ASP B 172 17.18 -9.43 0.98
CA ASP B 172 16.41 -10.16 -0.03
C ASP B 172 15.46 -11.17 0.62
N LEU B 173 14.34 -10.67 1.17
CA LEU B 173 13.31 -11.53 1.74
C LEU B 173 12.50 -12.29 0.67
N HIS B 174 12.12 -13.51 1.05
N HIS B 174 12.19 -13.56 0.96
CA HIS B 174 11.18 -14.23 0.25
CA HIS B 174 11.27 -14.38 0.18
C HIS B 174 10.08 -14.76 1.15
C HIS B 174 10.12 -14.79 1.10
N PHE B 175 8.89 -14.85 0.57
CA PHE B 175 7.72 -15.33 1.27
C PHE B 175 7.22 -16.52 0.46
N VAL B 176 7.13 -17.70 1.05
CA VAL B 176 6.83 -18.91 0.29
C VAL B 176 5.77 -19.72 1.03
N CYS B 177 5.20 -20.72 0.33
CA CYS B 177 4.08 -21.51 0.81
C CYS B 177 4.38 -22.99 0.58
N PHE B 178 4.24 -23.78 1.65
CA PHE B 178 4.43 -25.22 1.64
C PHE B 178 3.06 -25.89 1.71
N ILE B 179 2.86 -26.93 0.86
CA ILE B 179 1.63 -27.71 0.86
C ILE B 179 1.94 -29.19 0.66
N PRO B 180 1.08 -30.09 1.16
CA PRO B 180 1.17 -31.52 0.85
C PRO B 180 0.58 -31.78 -0.52
N VAL B 181 1.33 -32.42 -1.40
CA VAL B 181 0.80 -32.83 -2.69
C VAL B 181 1.27 -34.24 -2.98
N GLY B 182 0.30 -35.17 -3.13
CA GLY B 182 0.59 -36.58 -3.43
C GLY B 182 1.76 -37.16 -2.62
N GLY B 183 1.69 -36.98 -1.29
CA GLY B 183 2.70 -37.52 -0.39
C GLY B 183 4.06 -36.85 -0.54
N ARG B 184 4.07 -35.59 -1.02
CA ARG B 184 5.28 -34.78 -1.01
C ARG B 184 5.00 -33.42 -0.35
N CYS B 185 6.00 -32.92 0.39
CA CYS B 185 6.00 -31.56 0.93
C CYS B 185 6.53 -30.61 -0.16
N VAL B 186 5.61 -29.80 -0.72
CA VAL B 186 5.91 -28.94 -1.86
C VAL B 186 6.01 -27.48 -1.41
N GLU B 187 7.14 -26.85 -1.77
CA GLU B 187 7.33 -25.42 -1.62
C GLU B 187 6.97 -24.70 -2.93
N LEU B 188 6.11 -23.69 -2.81
CA LEU B 188 5.75 -22.83 -3.90
C LEU B 188 6.39 -21.46 -3.69
N ASP B 189 7.43 -21.19 -4.45
CA ASP B 189 8.08 -19.90 -4.47
C ASP B 189 7.94 -19.31 -5.86
N GLY B 190 7.18 -18.22 -5.96
CA GLY B 190 6.86 -17.58 -7.23
C GLY B 190 8.09 -17.04 -7.94
N ARG B 191 9.22 -16.88 -7.24
CA ARG B 191 10.42 -16.38 -7.90
C ARG B 191 11.29 -17.52 -8.37
N LYS B 192 10.78 -18.77 -8.31
CA LYS B 192 11.45 -19.88 -8.98
C LYS B 192 10.63 -20.37 -10.16
N GLU B 193 11.31 -21.00 -11.13
CA GLU B 193 10.65 -21.54 -12.30
C GLU B 193 9.66 -22.65 -11.94
N ASN B 194 10.07 -23.52 -11.02
CA ASN B 194 9.27 -24.69 -10.67
C ASN B 194 9.04 -24.74 -9.18
N PRO B 195 7.93 -25.38 -8.76
CA PRO B 195 7.81 -25.78 -7.35
C PRO B 195 9.02 -26.58 -6.92
N ILE B 196 9.29 -26.53 -5.61
CA ILE B 196 10.40 -27.24 -5.02
C ILE B 196 9.86 -28.37 -4.16
N LEU B 197 10.46 -29.55 -4.34
CA LEU B 197 10.05 -30.74 -3.62
C LEU B 197 10.98 -30.96 -2.43
N HIS B 198 10.37 -31.16 -1.25
CA HIS B 198 11.15 -31.45 -0.05
C HIS B 198 10.92 -32.90 0.35
N GLY B 199 10.54 -33.17 1.59
CA GLY B 199 10.46 -34.53 2.08
C GLY B 199 9.09 -35.14 1.78
N THR B 200 8.93 -36.42 2.16
CA THR B 200 7.69 -37.12 1.96
C THR B 200 6.84 -36.95 3.20
N CYS B 201 5.56 -37.23 3.06
CA CYS B 201 4.62 -37.14 4.15
C CYS B 201 3.47 -38.07 3.82
N THR B 202 2.80 -38.57 4.84
CA THR B 202 1.58 -39.33 4.67
C THR B 202 0.39 -38.48 5.14
N ASP B 203 0.23 -38.41 6.45
N ASP B 203 -0.03 -38.52 6.40
CA ASP B 203 -0.93 -37.79 7.06
CA ASP B 203 -1.19 -37.70 6.73
C ASP B 203 -0.62 -36.30 7.24
C ASP B 203 -0.70 -36.30 7.12
N ASN B 204 -1.64 -35.56 7.70
CA ASN B 204 -1.51 -34.12 7.84
C ASN B 204 -0.36 -33.75 8.77
N ARG B 205 -0.20 -34.51 9.86
CA ARG B 205 0.82 -34.27 10.85
C ARG B 205 2.24 -34.51 10.31
N SER B 206 2.44 -35.47 9.40
CA SER B 206 3.77 -35.71 8.87
C SER B 206 4.08 -34.69 7.78
N PHE B 207 3.03 -34.10 7.21
CA PHE B 207 3.26 -32.94 6.33
C PHE B 207 3.87 -31.84 7.19
N LEU B 208 3.18 -31.52 8.30
CA LEU B 208 3.64 -30.45 9.18
C LEU B 208 5.09 -30.70 9.55
N THR B 209 5.43 -31.95 9.88
CA THR B 209 6.81 -32.33 10.21
C THR B 209 7.77 -32.10 9.05
N ALA B 210 7.36 -32.41 7.81
CA ALA B 210 8.28 -32.26 6.69
C ALA B 210 8.50 -30.78 6.36
N ALA B 211 7.45 -29.99 6.38
CA ALA B 211 7.56 -28.55 6.20
C ALA B 211 8.51 -27.95 7.25
N ALA B 212 8.37 -28.40 8.50
CA ALA B 212 9.21 -27.93 9.60
C ALA B 212 10.67 -28.31 9.34
N ALA B 213 10.88 -29.52 8.80
CA ALA B 213 12.22 -29.98 8.48
C ALA B 213 12.85 -29.09 7.41
N ALA B 214 12.09 -28.77 6.37
CA ALA B 214 12.63 -27.92 5.31
C ALA B 214 12.92 -26.50 5.84
N ILE B 215 12.00 -26.00 6.66
CA ILE B 215 12.19 -24.66 7.22
C ILE B 215 13.44 -24.67 8.11
N GLN B 216 13.54 -25.67 8.97
CA GLN B 216 14.68 -25.73 9.86
C GLN B 216 16.00 -25.76 9.09
N GLU B 217 16.06 -26.55 8.02
CA GLU B 217 17.27 -26.65 7.22
C GLU B 217 17.65 -25.27 6.67
N ARG B 218 16.64 -24.56 6.16
CA ARG B 218 16.84 -23.27 5.54
C ARG B 218 17.37 -22.26 6.55
N VAL B 219 16.77 -22.23 7.75
CA VAL B 219 17.17 -21.25 8.76
C VAL B 219 18.62 -21.55 9.15
N GLU B 220 18.96 -22.84 9.28
CA GLU B 220 20.29 -23.21 9.72
C GLU B 220 21.33 -22.82 8.67
N LEU B 221 20.91 -22.64 7.40
CA LEU B 221 21.85 -22.24 6.38
C LEU B 221 22.25 -20.77 6.54
N ASN B 222 21.48 -19.99 7.30
CA ASN B 222 21.67 -18.56 7.43
C ASN B 222 21.34 -18.16 8.89
N PRO B 223 22.08 -18.73 9.87
CA PRO B 223 21.68 -18.67 11.27
C PRO B 223 21.81 -17.32 11.97
N SER B 224 22.58 -16.38 11.41
CA SER B 224 22.72 -15.07 12.03
C SER B 224 21.70 -14.07 11.53
N SER B 225 20.83 -14.47 10.60
CA SER B 225 19.88 -13.56 9.97
C SER B 225 18.50 -13.86 10.52
N TYR B 226 17.91 -12.92 11.28
CA TYR B 226 16.80 -13.28 12.16
C TYR B 226 15.43 -12.93 11.64
N GLU B 227 15.35 -12.29 10.47
CA GLU B 227 14.07 -11.78 9.98
C GLU B 227 13.34 -12.88 9.21
N PHE B 228 12.83 -13.88 9.95
CA PHE B 228 12.12 -15.00 9.38
C PHE B 228 10.98 -15.35 10.32
N GLY B 229 10.01 -16.09 9.79
CA GLY B 229 8.85 -16.42 10.60
C GLY B 229 7.87 -17.30 9.84
N ILE B 230 7.21 -18.15 10.62
CA ILE B 230 6.38 -19.22 10.12
C ILE B 230 4.94 -18.92 10.48
N THR B 231 4.04 -19.12 9.52
CA THR B 231 2.60 -19.13 9.78
C THR B 231 2.00 -20.41 9.20
N ALA B 232 0.73 -20.66 9.54
CA ALA B 232 -0.01 -21.83 9.07
C ALA B 232 -1.45 -21.45 8.80
N LEU B 233 -1.99 -21.99 7.70
CA LEU B 233 -3.40 -21.88 7.43
C LEU B 233 -4.13 -23.06 8.06
N VAL B 234 -5.11 -22.77 8.92
CA VAL B 234 -5.86 -23.80 9.66
C VAL B 234 -7.35 -23.44 9.64
N ASN B 235 -8.18 -24.37 10.16
CA ASN B 235 -9.63 -24.16 10.18
C ASN B 235 -10.01 -23.05 11.14
N LYS B 236 -11.07 -22.33 10.77
CA LYS B 236 -11.77 -21.46 11.69
C LYS B 236 -13.21 -21.99 11.87
#